data_1ZC4
#
_entry.id   1ZC4
#
_cell.length_a   52.912
_cell.length_b   113.389
_cell.length_c   70.680
_cell.angle_alpha   90.00
_cell.angle_beta   102.77
_cell.angle_gamma   90.00
#
_symmetry.space_group_name_H-M   'P 1 21 1'
#
loop_
_entity.id
_entity.type
_entity.pdbx_description
1 polymer 'Ras-related protein Ral-A'
2 polymer 'exocyst complex protein Exo84'
3 non-polymer 'MAGNESIUM ION'
4 non-polymer 'PHOSPHOAMINOPHOSPHONIC ACID-GUANYLATE ESTER'
5 water water
#
loop_
_entity_poly.entity_id
_entity_poly.type
_entity_poly.pdbx_seq_one_letter_code
_entity_poly.pdbx_strand_id
1 'polypeptide(L)'
;QNSLALHKVIMVGSGGVGKSALTLQFMYDEFVEDYEPTKADSYRKKVVLDGEEVQIDILDTAGLEDYAAIRDNYFRSGEG
FLCVFSITEMESFAATADFREQILRVKEDENVPFLLVGNKSDLEDKRQVSVEEAKNRAEQWNVNYVETSAKTRANVDKVF
FDLMREIRARKMEDS
;
A,C
2 'polypeptide(L)'
;LETPGQYLVYNGDLVEYEADHMAQLQRVHGFLMNDCLLVATWLPQRRGMYRYNALYPLDRLAVVNVKDNPPMKDMFKLLM
FPESRIFQAENAKIKREWLEVLEETKRALSDKRRREQEEA
;
B,D
#
loop_
_chem_comp.id
_chem_comp.type
_chem_comp.name
_chem_comp.formula
GNP non-polymer 'PHOSPHOAMINOPHOSPHONIC ACID-GUANYLATE ESTER' 'C10 H17 N6 O13 P3'
MG non-polymer 'MAGNESIUM ION' 'Mg 2'
#
# COMPACT_ATOMS: atom_id res chain seq x y z
N SER A 3 13.97 -24.33 -29.23
CA SER A 3 14.34 -24.26 -27.78
C SER A 3 14.08 -25.58 -27.04
N LEU A 4 14.69 -25.71 -25.86
CA LEU A 4 14.54 -26.89 -25.01
C LEU A 4 13.18 -26.87 -24.29
N ALA A 5 12.49 -28.01 -24.27
CA ALA A 5 11.21 -28.07 -23.59
C ALA A 5 11.47 -27.85 -22.10
N LEU A 6 10.43 -27.43 -21.38
CA LEU A 6 10.50 -27.15 -19.96
C LEU A 6 9.35 -27.87 -19.26
N HIS A 7 9.67 -28.81 -18.39
CA HIS A 7 8.64 -29.53 -17.67
C HIS A 7 8.63 -29.09 -16.23
N LYS A 8 7.52 -28.47 -15.84
CA LYS A 8 7.35 -27.92 -14.50
C LYS A 8 6.75 -28.94 -13.56
N VAL A 9 7.55 -29.32 -12.58
CA VAL A 9 7.16 -30.29 -11.59
C VAL A 9 6.92 -29.59 -10.26
N ILE A 10 5.88 -30.02 -9.55
CA ILE A 10 5.56 -29.44 -8.26
C ILE A 10 5.62 -30.57 -7.23
N MET A 11 6.34 -30.33 -6.14
CA MET A 11 6.42 -31.32 -5.09
C MET A 11 5.24 -31.03 -4.14
N VAL A 12 4.41 -32.02 -3.93
CA VAL A 12 3.23 -31.88 -3.06
C VAL A 12 3.21 -33.00 -2.03
N GLY A 13 2.79 -32.68 -0.81
CA GLY A 13 2.73 -33.68 0.25
C GLY A 13 2.89 -33.09 1.64
N SER A 14 2.46 -33.85 2.67
CA SER A 14 2.55 -33.40 4.05
C SER A 14 3.94 -32.99 4.46
N GLY A 15 4.04 -32.45 5.67
CA GLY A 15 5.33 -32.01 6.16
C GLY A 15 6.18 -33.20 6.56
N GLY A 16 7.45 -33.15 6.21
CA GLY A 16 8.35 -34.23 6.55
C GLY A 16 8.33 -35.49 5.70
N VAL A 17 7.45 -35.60 4.71
CA VAL A 17 7.46 -36.84 3.93
C VAL A 17 8.73 -37.00 3.10
N GLY A 18 9.49 -35.90 2.96
CA GLY A 18 10.73 -35.97 2.21
C GLY A 18 10.72 -35.31 0.84
N LYS A 19 9.87 -34.28 0.68
CA LYS A 19 9.77 -33.57 -0.59
C LYS A 19 11.12 -32.96 -0.97
N SER A 20 11.79 -32.34 0.00
CA SER A 20 13.08 -31.72 -0.28
C SER A 20 14.15 -32.76 -0.54
N ALA A 21 14.20 -33.80 0.28
CA ALA A 21 15.20 -34.85 0.14
C ALA A 21 15.22 -35.43 -1.27
N LEU A 22 14.03 -35.76 -1.79
CA LEU A 22 13.90 -36.28 -3.13
C LEU A 22 14.47 -35.29 -4.14
N THR A 23 14.07 -34.04 -4.01
CA THR A 23 14.50 -32.97 -4.91
C THR A 23 16.02 -32.83 -4.92
N LEU A 24 16.60 -32.63 -3.74
CA LEU A 24 18.04 -32.46 -3.61
C LEU A 24 18.81 -33.70 -4.05
N GLN A 25 18.26 -34.88 -3.80
CA GLN A 25 18.92 -36.12 -4.20
C GLN A 25 18.98 -36.11 -5.71
N PHE A 26 17.86 -35.75 -6.34
CA PHE A 26 17.80 -35.69 -7.79
C PHE A 26 18.68 -34.58 -8.39
N MET A 27 18.65 -33.40 -7.79
CA MET A 27 19.44 -32.28 -8.29
C MET A 27 20.94 -32.42 -8.13
N TYR A 28 21.38 -32.82 -6.94
CA TYR A 28 22.81 -32.89 -6.67
C TYR A 28 23.37 -34.18 -6.09
N ASP A 29 22.63 -35.28 -6.18
CA ASP A 29 23.09 -36.54 -5.63
C ASP A 29 23.50 -36.42 -4.17
N GLU A 30 22.73 -35.67 -3.39
CA GLU A 30 23.05 -35.52 -1.97
C GLU A 30 21.86 -35.81 -1.06
N PHE A 31 22.16 -36.14 0.19
CA PHE A 31 21.13 -36.42 1.18
C PHE A 31 21.64 -36.26 2.60
N VAL A 32 20.95 -35.43 3.38
CA VAL A 32 21.32 -35.22 4.77
C VAL A 32 20.20 -35.72 5.67
N GLU A 33 20.57 -36.22 6.84
CA GLU A 33 19.60 -36.77 7.79
C GLU A 33 18.85 -35.71 8.59
N ASP A 34 19.40 -34.50 8.68
CA ASP A 34 18.75 -33.44 9.45
C ASP A 34 17.63 -32.68 8.73
N TYR A 35 16.54 -32.46 9.47
CA TYR A 35 15.35 -31.77 8.99
C TYR A 35 15.59 -30.29 8.74
N GLU A 36 15.01 -29.78 7.65
CA GLU A 36 15.16 -28.38 7.28
C GLU A 36 13.85 -27.88 6.67
N PRO A 37 13.00 -27.22 7.47
CA PRO A 37 11.71 -26.70 7.01
C PRO A 37 11.83 -25.87 5.73
N THR A 38 10.95 -26.14 4.78
CA THR A 38 10.96 -25.47 3.49
C THR A 38 9.91 -24.37 3.36
N LYS A 39 10.28 -23.24 2.74
CA LYS A 39 9.33 -22.16 2.51
C LYS A 39 8.90 -22.42 1.07
N ALA A 40 9.76 -22.04 0.13
CA ALA A 40 9.50 -22.27 -1.29
C ALA A 40 10.77 -22.08 -2.11
N ASP A 41 11.26 -23.18 -2.66
CA ASP A 41 12.47 -23.15 -3.49
C ASP A 41 12.20 -23.66 -4.90
N SER A 42 12.90 -23.05 -5.86
CA SER A 42 12.75 -23.40 -7.27
C SER A 42 14.09 -23.85 -7.84
N TYR A 43 14.10 -25.05 -8.38
CA TYR A 43 15.30 -25.65 -8.97
C TYR A 43 15.10 -25.92 -10.45
N ARG A 44 16.17 -25.79 -11.22
CA ARG A 44 16.09 -26.09 -12.65
C ARG A 44 17.32 -26.92 -13.05
N LYS A 45 17.14 -27.88 -13.96
CA LYS A 45 18.24 -28.74 -14.38
C LYS A 45 18.11 -29.21 -15.82
N LYS A 46 19.22 -29.23 -16.55
CA LYS A 46 19.22 -29.68 -17.92
C LYS A 46 19.39 -31.18 -17.87
N VAL A 47 18.52 -31.93 -18.54
CA VAL A 47 18.60 -33.37 -18.54
C VAL A 47 18.24 -33.93 -19.92
N VAL A 48 18.58 -35.20 -20.14
CA VAL A 48 18.27 -35.86 -21.40
C VAL A 48 17.10 -36.80 -21.19
N LEU A 49 16.01 -36.54 -21.89
CA LEU A 49 14.80 -37.34 -21.80
C LEU A 49 14.60 -38.02 -23.13
N ASP A 50 14.84 -39.32 -23.16
CA ASP A 50 14.71 -40.12 -24.38
C ASP A 50 15.31 -39.44 -25.61
N GLY A 51 16.62 -39.21 -25.55
CA GLY A 51 17.33 -38.59 -26.66
C GLY A 51 17.31 -37.07 -26.75
N GLU A 52 16.30 -36.41 -26.18
CA GLU A 52 16.22 -34.94 -26.27
C GLU A 52 16.72 -34.22 -25.02
N GLU A 53 17.44 -33.14 -25.22
CA GLU A 53 17.91 -32.35 -24.08
C GLU A 53 16.76 -31.44 -23.68
N VAL A 54 16.34 -31.55 -22.44
CA VAL A 54 15.25 -30.73 -21.93
C VAL A 54 15.63 -30.16 -20.57
N GLN A 55 14.75 -29.33 -20.04
CA GLN A 55 14.97 -28.74 -18.73
C GLN A 55 13.82 -29.09 -17.84
N ILE A 56 14.14 -29.54 -16.63
CA ILE A 56 13.11 -29.88 -15.66
C ILE A 56 13.13 -28.78 -14.61
N ASP A 57 11.96 -28.30 -14.21
CA ASP A 57 11.86 -27.25 -13.21
C ASP A 57 11.05 -27.82 -12.05
N ILE A 58 11.65 -27.82 -10.87
CA ILE A 58 11.00 -28.35 -9.68
C ILE A 58 10.71 -27.27 -8.64
N LEU A 59 9.47 -27.26 -8.15
CA LEU A 59 9.06 -26.30 -7.14
C LEU A 59 8.88 -27.10 -5.86
N ASP A 60 9.72 -26.82 -4.88
CA ASP A 60 9.70 -27.51 -3.60
C ASP A 60 9.18 -26.52 -2.56
N THR A 61 8.04 -26.85 -1.95
CA THR A 61 7.43 -25.97 -0.97
C THR A 61 7.10 -26.68 0.32
N ALA A 62 6.72 -25.88 1.33
CA ALA A 62 6.35 -26.40 2.64
C ALA A 62 5.09 -27.24 2.50
N GLY A 63 4.99 -28.30 3.29
CA GLY A 63 3.81 -29.12 3.24
C GLY A 63 2.72 -28.43 4.02
N LEU A 64 3.10 -27.37 4.73
CA LEU A 64 2.17 -26.62 5.56
C LEU A 64 2.06 -25.14 5.14
N GLU A 65 1.07 -24.79 4.32
CA GLU A 65 0.93 -23.39 3.92
C GLU A 65 -0.38 -22.77 4.41
N ASP A 66 -0.26 -21.65 5.10
CA ASP A 66 -1.41 -20.93 5.65
C ASP A 66 -2.53 -20.57 4.68
N TYR A 67 -2.22 -19.78 3.66
CA TYR A 67 -3.24 -19.33 2.73
C TYR A 67 -3.52 -20.22 1.53
N ALA A 68 -4.79 -20.55 1.36
CA ALA A 68 -5.23 -21.39 0.25
C ALA A 68 -4.94 -20.72 -1.07
N ALA A 69 -4.98 -19.39 -1.09
CA ALA A 69 -4.73 -18.63 -2.31
C ALA A 69 -3.26 -18.77 -2.72
N ILE A 70 -2.37 -18.83 -1.74
CA ILE A 70 -0.95 -18.99 -2.02
C ILE A 70 -0.68 -20.42 -2.48
N ARG A 71 -1.32 -21.37 -1.83
CA ARG A 71 -1.15 -22.77 -2.20
C ARG A 71 -1.57 -22.96 -3.65
N ASP A 72 -2.68 -22.35 -4.04
CA ASP A 72 -3.17 -22.45 -5.40
C ASP A 72 -2.23 -21.82 -6.41
N ASN A 73 -1.52 -20.79 -5.99
CA ASN A 73 -0.60 -20.15 -6.92
C ASN A 73 0.61 -21.04 -7.16
N TYR A 74 0.93 -21.88 -6.19
CA TYR A 74 2.04 -22.82 -6.32
C TYR A 74 1.59 -23.88 -7.32
N PHE A 75 0.43 -24.48 -7.04
CA PHE A 75 -0.17 -25.52 -7.87
C PHE A 75 -0.42 -25.11 -9.30
N ARG A 76 -1.04 -23.95 -9.48
CA ARG A 76 -1.39 -23.46 -10.81
C ARG A 76 -0.19 -23.27 -11.74
N SER A 77 0.99 -23.11 -11.16
CA SER A 77 2.19 -22.90 -11.96
C SER A 77 2.80 -24.19 -12.49
N GLY A 78 2.37 -25.32 -11.97
CA GLY A 78 2.94 -26.58 -12.40
C GLY A 78 2.21 -27.24 -13.55
N GLU A 79 2.80 -28.32 -14.06
CA GLU A 79 2.21 -29.08 -15.17
C GLU A 79 2.06 -30.54 -14.75
N GLY A 80 2.86 -30.95 -13.77
CA GLY A 80 2.83 -32.31 -13.26
C GLY A 80 3.08 -32.26 -11.77
N PHE A 81 2.61 -33.28 -11.05
CA PHE A 81 2.79 -33.27 -9.61
C PHE A 81 3.30 -34.58 -9.07
N LEU A 82 4.09 -34.49 -8.01
CA LEU A 82 4.60 -35.67 -7.33
C LEU A 82 3.92 -35.58 -5.98
N CYS A 83 2.89 -36.39 -5.81
CA CYS A 83 2.14 -36.42 -4.56
C CYS A 83 2.89 -37.37 -3.65
N VAL A 84 3.71 -36.79 -2.78
CA VAL A 84 4.53 -37.57 -1.88
C VAL A 84 3.92 -37.79 -0.51
N PHE A 85 4.13 -38.98 0.03
CA PHE A 85 3.66 -39.32 1.36
C PHE A 85 4.72 -40.29 1.88
N SER A 86 4.82 -40.42 3.20
CA SER A 86 5.82 -41.31 3.78
C SER A 86 5.18 -42.63 4.14
N ILE A 87 5.82 -43.73 3.78
CA ILE A 87 5.24 -45.04 4.11
C ILE A 87 5.30 -45.32 5.60
N THR A 88 6.00 -44.47 6.36
CA THR A 88 6.10 -44.67 7.80
C THR A 88 5.16 -43.77 8.59
N GLU A 89 4.20 -43.15 7.91
CA GLU A 89 3.26 -42.27 8.57
C GLU A 89 1.93 -42.27 7.82
N MET A 90 0.99 -43.09 8.29
CA MET A 90 -0.32 -43.22 7.66
C MET A 90 -1.09 -41.91 7.47
N GLU A 91 -0.99 -40.99 8.43
CA GLU A 91 -1.70 -39.73 8.31
C GLU A 91 -1.29 -38.95 7.06
N SER A 92 -0.01 -39.04 6.67
CA SER A 92 0.46 -38.34 5.48
C SER A 92 -0.08 -39.03 4.23
N PHE A 93 -0.47 -40.29 4.38
CA PHE A 93 -1.02 -41.02 3.24
C PHE A 93 -2.44 -40.55 3.06
N ALA A 94 -3.17 -40.44 4.17
CA ALA A 94 -4.54 -39.98 4.11
C ALA A 94 -4.55 -38.57 3.53
N ALA A 95 -3.56 -37.77 3.91
CA ALA A 95 -3.47 -36.39 3.45
C ALA A 95 -3.43 -36.23 1.93
N THR A 96 -3.07 -37.29 1.22
CA THR A 96 -2.98 -37.21 -0.24
C THR A 96 -4.28 -36.94 -0.99
N ALA A 97 -5.40 -37.43 -0.46
CA ALA A 97 -6.70 -37.23 -1.11
C ALA A 97 -7.07 -35.76 -1.29
N ASP A 98 -6.84 -34.96 -0.25
CA ASP A 98 -7.16 -33.53 -0.32
C ASP A 98 -6.24 -32.84 -1.32
N PHE A 99 -4.94 -33.10 -1.23
CA PHE A 99 -3.98 -32.51 -2.15
C PHE A 99 -4.43 -32.76 -3.59
N ARG A 100 -4.81 -34.00 -3.88
CA ARG A 100 -5.26 -34.35 -5.22
C ARG A 100 -6.50 -33.56 -5.63
N GLU A 101 -7.45 -33.40 -4.71
CA GLU A 101 -8.66 -32.65 -4.99
C GLU A 101 -8.33 -31.20 -5.30
N GLN A 102 -7.44 -30.61 -4.51
CA GLN A 102 -7.03 -29.23 -4.71
C GLN A 102 -6.31 -29.08 -6.04
N ILE A 103 -5.50 -30.08 -6.39
CA ILE A 103 -4.76 -30.03 -7.63
C ILE A 103 -5.73 -30.05 -8.81
N LEU A 104 -6.71 -30.94 -8.74
CA LEU A 104 -7.71 -31.06 -9.80
C LEU A 104 -8.54 -29.78 -9.95
N ARG A 105 -9.02 -29.24 -8.84
CA ARG A 105 -9.80 -28.02 -8.87
C ARG A 105 -8.99 -26.91 -9.53
N VAL A 106 -7.82 -26.65 -8.97
CA VAL A 106 -6.92 -25.62 -9.46
C VAL A 106 -6.52 -25.79 -10.93
N LYS A 107 -6.17 -27.01 -11.32
CA LYS A 107 -5.77 -27.25 -12.70
C LYS A 107 -6.94 -27.53 -13.62
N GLU A 108 -8.07 -27.94 -13.05
CA GLU A 108 -9.28 -28.21 -13.83
C GLU A 108 -9.05 -29.24 -14.92
N ASP A 109 -8.59 -30.43 -14.51
CA ASP A 109 -8.30 -31.51 -15.44
C ASP A 109 -8.08 -32.83 -14.69
N GLU A 110 -8.91 -33.82 -15.00
CA GLU A 110 -8.87 -35.13 -14.37
C GLU A 110 -7.63 -35.93 -14.76
N ASN A 111 -7.04 -35.59 -15.89
CA ASN A 111 -5.86 -36.31 -16.37
C ASN A 111 -4.55 -35.57 -16.18
N VAL A 112 -4.53 -34.66 -15.20
CA VAL A 112 -3.32 -33.89 -14.92
C VAL A 112 -2.18 -34.84 -14.55
N PRO A 113 -0.99 -34.67 -15.18
CA PRO A 113 0.18 -35.50 -14.90
C PRO A 113 0.36 -35.54 -13.39
N PHE A 114 0.27 -36.74 -12.82
CA PHE A 114 0.33 -36.90 -11.38
C PHE A 114 0.88 -38.30 -11.07
N LEU A 115 1.77 -38.37 -10.10
CA LEU A 115 2.35 -39.64 -9.71
C LEU A 115 2.25 -39.75 -8.20
N LEU A 116 1.76 -40.89 -7.70
CA LEU A 116 1.67 -41.07 -6.26
C LEU A 116 3.01 -41.64 -5.83
N VAL A 117 3.65 -41.02 -4.85
CA VAL A 117 4.97 -41.44 -4.39
C VAL A 117 5.07 -41.73 -2.90
N GLY A 118 5.43 -42.96 -2.55
CA GLY A 118 5.58 -43.31 -1.14
C GLY A 118 7.06 -43.32 -0.83
N ASN A 119 7.53 -42.28 -0.16
CA ASN A 119 8.95 -42.15 0.16
C ASN A 119 9.35 -42.89 1.42
N LYS A 120 10.67 -42.89 1.67
CA LYS A 120 11.28 -43.53 2.83
C LYS A 120 11.14 -45.05 2.83
N SER A 121 11.30 -45.66 1.65
CA SER A 121 11.17 -47.11 1.50
C SER A 121 12.29 -47.87 2.19
N ASP A 122 13.38 -47.17 2.51
CA ASP A 122 14.52 -47.77 3.18
C ASP A 122 14.24 -48.02 4.67
N LEU A 123 13.06 -47.61 5.13
CA LEU A 123 12.66 -47.79 6.51
C LEU A 123 11.51 -48.80 6.54
N GLU A 124 11.67 -49.91 5.83
CA GLU A 124 10.65 -50.94 5.76
C GLU A 124 10.15 -51.37 7.14
N ASP A 125 11.08 -51.44 8.09
CA ASP A 125 10.74 -51.84 9.45
C ASP A 125 9.65 -50.95 10.05
N LYS A 126 9.69 -49.66 9.78
CA LYS A 126 8.70 -48.73 10.34
C LYS A 126 7.48 -48.49 9.47
N ARG A 127 7.35 -49.24 8.39
CA ARG A 127 6.20 -49.07 7.49
C ARG A 127 4.88 -48.98 8.25
N GLN A 128 3.97 -48.16 7.73
CA GLN A 128 2.66 -47.98 8.35
C GLN A 128 1.61 -48.09 7.24
N VAL A 129 2.05 -47.86 6.00
CA VAL A 129 1.17 -47.94 4.85
C VAL A 129 1.63 -49.13 4.00
N SER A 130 0.70 -50.03 3.70
CA SER A 130 1.05 -51.21 2.91
C SER A 130 1.10 -50.93 1.41
N VAL A 131 1.99 -51.62 0.71
CA VAL A 131 2.11 -51.46 -0.73
C VAL A 131 0.73 -51.56 -1.38
N GLU A 132 -0.03 -52.57 -0.98
CA GLU A 132 -1.37 -52.79 -1.53
C GLU A 132 -2.29 -51.58 -1.30
N GLU A 133 -2.30 -51.05 -0.08
CA GLU A 133 -3.13 -49.88 0.23
C GLU A 133 -2.83 -48.80 -0.78
N ALA A 134 -1.55 -48.48 -0.92
CA ALA A 134 -1.08 -47.47 -1.84
C ALA A 134 -1.41 -47.82 -3.30
N LYS A 135 -1.08 -49.03 -3.72
CA LYS A 135 -1.35 -49.45 -5.09
C LYS A 135 -2.84 -49.32 -5.40
N ASN A 136 -3.68 -49.65 -4.43
CA ASN A 136 -5.11 -49.58 -4.63
C ASN A 136 -5.55 -48.16 -4.85
N ARG A 137 -5.09 -47.25 -3.99
CA ARG A 137 -5.47 -45.85 -4.14
C ARG A 137 -5.05 -45.30 -5.49
N ALA A 138 -3.87 -45.73 -5.95
CA ALA A 138 -3.36 -45.26 -7.24
C ALA A 138 -4.25 -45.76 -8.37
N GLU A 139 -4.62 -47.04 -8.31
CA GLU A 139 -5.47 -47.60 -9.36
C GLU A 139 -6.82 -46.88 -9.40
N GLN A 140 -7.40 -46.59 -8.24
CA GLN A 140 -8.69 -45.90 -8.23
C GLN A 140 -8.56 -44.46 -8.70
N TRP A 141 -7.35 -43.90 -8.63
CA TRP A 141 -7.11 -42.54 -9.10
C TRP A 141 -6.61 -42.61 -10.52
N ASN A 142 -6.35 -43.83 -10.99
CA ASN A 142 -5.86 -44.07 -12.33
C ASN A 142 -4.48 -43.43 -12.55
N VAL A 143 -3.58 -43.67 -11.61
CA VAL A 143 -2.22 -43.15 -11.70
C VAL A 143 -1.28 -44.25 -11.21
N ASN A 144 0.01 -44.11 -11.49
CA ASN A 144 0.95 -45.11 -11.04
C ASN A 144 1.40 -44.82 -9.62
N TYR A 145 1.91 -45.84 -8.95
CA TYR A 145 2.40 -45.70 -7.60
C TYR A 145 3.85 -46.19 -7.61
N VAL A 146 4.70 -45.53 -6.83
CA VAL A 146 6.10 -45.94 -6.77
C VAL A 146 6.70 -45.53 -5.45
N GLU A 147 7.40 -46.48 -4.82
CA GLU A 147 8.06 -46.25 -3.55
C GLU A 147 9.48 -45.83 -3.85
N THR A 148 9.98 -44.88 -3.07
CA THR A 148 11.32 -44.36 -3.26
C THR A 148 12.00 -44.18 -1.93
N SER A 149 13.30 -43.89 -1.98
CA SER A 149 14.13 -43.62 -0.81
C SER A 149 15.13 -42.58 -1.25
N ALA A 150 14.88 -41.33 -0.89
CA ALA A 150 15.79 -40.25 -1.25
C ALA A 150 17.15 -40.48 -0.60
N LYS A 151 17.20 -41.41 0.34
CA LYS A 151 18.42 -41.74 1.07
C LYS A 151 19.34 -42.64 0.24
N THR A 152 18.77 -43.72 -0.30
CA THR A 152 19.52 -44.69 -1.10
C THR A 152 19.36 -44.46 -2.60
N ARG A 153 18.56 -43.47 -2.97
CA ARG A 153 18.27 -43.15 -4.37
C ARG A 153 17.32 -44.11 -5.09
N ALA A 154 16.82 -45.12 -4.38
CA ALA A 154 15.89 -46.07 -5.00
C ALA A 154 14.73 -45.33 -5.67
N ASN A 155 14.67 -45.45 -6.99
CA ASN A 155 13.63 -44.85 -7.82
C ASN A 155 13.56 -43.31 -7.86
N VAL A 156 14.52 -42.62 -7.27
CA VAL A 156 14.49 -41.16 -7.31
C VAL A 156 14.43 -40.63 -8.75
N ASP A 157 15.30 -41.15 -9.60
CA ASP A 157 15.30 -40.72 -11.00
C ASP A 157 14.01 -41.17 -11.70
N LYS A 158 13.57 -42.37 -11.38
CA LYS A 158 12.36 -42.92 -11.98
C LYS A 158 11.13 -42.04 -11.83
N VAL A 159 10.86 -41.55 -10.62
CA VAL A 159 9.68 -40.71 -10.39
C VAL A 159 9.72 -39.40 -11.17
N PHE A 160 10.87 -38.75 -11.20
CA PHE A 160 10.99 -37.48 -11.92
C PHE A 160 10.92 -37.70 -13.42
N PHE A 161 11.59 -38.73 -13.92
CA PHE A 161 11.56 -38.99 -15.35
C PHE A 161 10.19 -39.48 -15.83
N ASP A 162 9.53 -40.31 -15.03
CA ASP A 162 8.22 -40.78 -15.44
C ASP A 162 7.24 -39.62 -15.40
N LEU A 163 7.39 -38.75 -14.40
CA LEU A 163 6.49 -37.61 -14.32
C LEU A 163 6.73 -36.77 -15.57
N MET A 164 7.98 -36.63 -15.95
CA MET A 164 8.27 -35.83 -17.13
C MET A 164 7.63 -36.45 -18.37
N ARG A 165 7.63 -37.77 -18.45
CA ARG A 165 7.05 -38.41 -19.62
C ARG A 165 5.54 -38.21 -19.74
N GLU A 166 4.84 -38.19 -18.61
CA GLU A 166 3.40 -37.95 -18.66
C GLU A 166 3.16 -36.50 -19.02
N ILE A 167 4.00 -35.61 -18.51
CA ILE A 167 3.82 -34.20 -18.82
C ILE A 167 4.07 -33.99 -20.29
N ARG A 168 5.06 -34.70 -20.82
CA ARG A 168 5.41 -34.59 -22.22
C ARG A 168 4.30 -35.15 -23.11
N ALA A 169 3.54 -36.12 -22.58
CA ALA A 169 2.46 -36.74 -23.31
C ALA A 169 1.29 -35.77 -23.42
N ARG A 170 0.81 -35.28 -22.28
CA ARG A 170 -0.30 -34.33 -22.27
C ARG A 170 0.03 -33.16 -23.19
N LYS A 171 1.30 -32.78 -23.25
CA LYS A 171 1.69 -31.69 -24.13
C LYS A 171 1.57 -32.15 -25.57
N MET A 172 1.96 -33.39 -25.83
CA MET A 172 1.94 -33.98 -27.16
C MET A 172 0.53 -33.96 -27.77
N GLU A 173 -0.46 -34.26 -26.94
CA GLU A 173 -1.87 -34.29 -27.36
C GLU A 173 -2.55 -32.92 -27.32
N ASP A 174 -2.42 -32.23 -26.19
CA ASP A 174 -3.04 -30.91 -25.98
C ASP A 174 -2.42 -29.77 -26.80
N SER A 175 -1.78 -30.08 -27.92
CA SER A 175 -1.17 -29.05 -28.76
C SER A 175 -1.40 -29.27 -30.25
N GLY B 5 -10.10 -6.70 0.48
CA GLY B 5 -8.97 -6.91 -0.47
C GLY B 5 -8.16 -5.65 -0.76
N GLN B 6 -6.84 -5.74 -0.59
CA GLN B 6 -5.96 -4.61 -0.84
C GLN B 6 -5.75 -4.47 -2.35
N TYR B 7 -5.85 -3.25 -2.87
CA TYR B 7 -5.68 -3.04 -4.30
C TYR B 7 -5.27 -1.61 -4.66
N LEU B 8 -4.83 -1.43 -5.90
CA LEU B 8 -4.40 -0.14 -6.42
C LEU B 8 -5.61 0.64 -6.93
N VAL B 9 -6.01 1.64 -6.18
CA VAL B 9 -7.16 2.46 -6.50
C VAL B 9 -6.97 3.47 -7.63
N TYR B 10 -5.81 4.11 -7.65
CA TYR B 10 -5.54 5.13 -8.65
C TYR B 10 -4.04 5.45 -8.67
N ASN B 11 -3.54 5.97 -9.77
CA ASN B 11 -2.14 6.36 -9.84
C ASN B 11 -1.93 7.33 -10.98
N GLY B 12 -0.83 8.07 -10.94
CA GLY B 12 -0.55 9.03 -11.98
C GLY B 12 0.59 9.98 -11.65
N ASP B 13 1.09 10.67 -12.67
CA ASP B 13 2.16 11.62 -12.47
C ASP B 13 1.64 12.97 -12.01
N LEU B 14 2.49 13.70 -11.31
CA LEU B 14 2.15 15.03 -10.83
C LEU B 14 3.43 15.84 -10.78
N VAL B 15 3.30 17.16 -10.66
CA VAL B 15 4.48 17.99 -10.54
C VAL B 15 4.44 18.64 -9.17
N GLU B 16 5.46 18.39 -8.36
CA GLU B 16 5.48 18.96 -7.03
C GLU B 16 5.95 20.42 -7.06
N TYR B 17 5.46 21.20 -6.10
CA TYR B 17 5.87 22.60 -5.98
C TYR B 17 6.15 22.85 -4.52
N GLU B 18 7.01 23.82 -4.22
CA GLU B 18 7.31 24.15 -2.84
C GLU B 18 6.17 25.06 -2.39
N ALA B 19 5.47 24.62 -1.35
CA ALA B 19 4.28 25.30 -0.82
C ALA B 19 4.33 26.81 -0.57
N ASP B 20 5.28 27.25 0.26
CA ASP B 20 5.37 28.68 0.60
C ASP B 20 5.72 29.63 -0.55
N HIS B 21 6.75 29.32 -1.34
CA HIS B 21 7.10 30.23 -2.44
C HIS B 21 6.55 29.77 -3.78
N MET B 22 5.88 28.62 -3.79
CA MET B 22 5.29 28.09 -5.01
C MET B 22 6.29 27.94 -6.17
N ALA B 23 7.50 27.48 -5.86
CA ALA B 23 8.54 27.27 -6.85
C ALA B 23 8.47 25.82 -7.33
N GLN B 24 8.48 25.62 -8.65
CA GLN B 24 8.41 24.28 -9.19
C GLN B 24 9.57 23.40 -8.71
N LEU B 25 9.26 22.15 -8.39
CA LEU B 25 10.27 21.19 -7.94
C LEU B 25 10.38 20.13 -9.02
N GLN B 26 10.08 18.88 -8.71
CA GLN B 26 10.20 17.83 -9.72
C GLN B 26 8.93 17.00 -9.92
N ARG B 27 9.00 16.09 -10.88
CA ARG B 27 7.89 15.20 -11.18
C ARG B 27 7.88 14.05 -10.18
N VAL B 28 6.69 13.59 -9.80
CA VAL B 28 6.59 12.48 -8.87
C VAL B 28 5.45 11.59 -9.35
N HIS B 29 5.35 10.40 -8.79
CA HIS B 29 4.28 9.51 -9.16
C HIS B 29 3.52 9.15 -7.90
N GLY B 30 2.20 9.27 -7.93
CA GLY B 30 1.41 8.93 -6.75
C GLY B 30 0.69 7.61 -6.94
N PHE B 31 0.69 6.78 -5.90
CA PHE B 31 0.02 5.49 -5.94
C PHE B 31 -0.98 5.45 -4.78
N LEU B 32 -2.26 5.38 -5.10
CA LEU B 32 -3.30 5.33 -4.08
C LEU B 32 -3.75 3.89 -3.79
N MET B 33 -3.55 3.43 -2.55
CA MET B 33 -4.01 2.09 -2.14
C MET B 33 -5.27 2.33 -1.33
N ASN B 34 -5.90 1.27 -0.82
CA ASN B 34 -7.16 1.50 -0.11
C ASN B 34 -7.02 2.17 1.26
N ASP B 35 -5.81 2.24 1.80
CA ASP B 35 -5.65 2.88 3.10
C ASP B 35 -4.44 3.80 3.19
N CYS B 36 -3.78 4.04 2.06
CA CYS B 36 -2.62 4.93 2.08
C CYS B 36 -2.22 5.40 0.70
N LEU B 37 -1.48 6.49 0.65
CA LEU B 37 -1.02 7.07 -0.61
C LEU B 37 0.49 7.05 -0.63
N LEU B 38 1.06 6.54 -1.72
CA LEU B 38 2.49 6.47 -1.87
C LEU B 38 2.93 7.53 -2.88
N VAL B 39 3.87 8.39 -2.50
CA VAL B 39 4.37 9.38 -3.43
C VAL B 39 5.85 9.06 -3.63
N ALA B 40 6.22 8.77 -4.87
CA ALA B 40 7.59 8.43 -5.22
C ALA B 40 8.23 9.58 -5.98
N THR B 41 9.40 9.99 -5.50
CA THR B 41 10.14 11.10 -6.09
C THR B 41 11.48 10.65 -6.65
N TRP B 42 11.87 11.22 -7.77
CA TRP B 42 13.14 10.90 -8.42
C TRP B 42 13.96 12.18 -8.56
N LEU B 43 14.97 12.34 -7.69
CA LEU B 43 15.84 13.51 -7.68
C LEU B 43 17.22 13.18 -8.24
N PRO B 44 17.49 13.53 -9.50
CA PRO B 44 18.80 13.24 -10.09
C PRO B 44 19.92 13.98 -9.36
N GLN B 45 21.06 13.31 -9.20
CA GLN B 45 22.22 13.90 -8.56
C GLN B 45 23.47 13.57 -9.36
N ARG B 46 24.52 14.37 -9.16
CA ARG B 46 25.77 14.18 -9.90
C ARG B 46 26.22 12.73 -9.96
N ARG B 47 26.52 12.14 -8.81
CA ARG B 47 26.96 10.75 -8.76
C ARG B 47 26.07 9.90 -7.84
N GLY B 48 24.80 9.78 -8.21
CA GLY B 48 23.88 8.99 -7.41
C GLY B 48 22.43 9.48 -7.36
N MET B 49 21.65 9.16 -8.38
CA MET B 49 20.23 9.54 -8.47
C MET B 49 19.50 9.29 -7.13
N TYR B 50 19.13 10.37 -6.44
CA TYR B 50 18.44 10.21 -5.15
C TYR B 50 16.91 10.21 -5.19
N ARG B 51 16.35 9.08 -4.78
CA ARG B 51 14.91 8.89 -4.75
C ARG B 51 14.33 9.04 -3.35
N TYR B 52 13.26 9.83 -3.24
CA TYR B 52 12.58 10.04 -1.97
C TYR B 52 11.17 9.43 -2.06
N ASN B 53 10.92 8.41 -1.24
CA ASN B 53 9.62 7.74 -1.24
C ASN B 53 8.89 7.92 0.09
N ALA B 54 7.68 8.47 0.04
CA ALA B 54 6.88 8.71 1.23
C ALA B 54 5.52 8.03 1.16
N LEU B 55 5.10 7.44 2.28
CA LEU B 55 3.82 6.77 2.39
C LEU B 55 2.95 7.58 3.34
N TYR B 56 1.74 7.92 2.93
CA TYR B 56 0.83 8.71 3.76
C TYR B 56 -0.47 7.99 4.11
N PRO B 57 -0.63 7.60 5.38
CA PRO B 57 -1.86 6.93 5.79
C PRO B 57 -3.08 7.85 5.59
N LEU B 58 -4.13 7.35 4.94
CA LEU B 58 -5.32 8.15 4.69
C LEU B 58 -6.08 8.54 5.94
N ASP B 59 -5.79 7.91 7.07
CA ASP B 59 -6.50 8.26 8.30
C ASP B 59 -5.75 9.33 9.06
N ARG B 60 -4.72 9.90 8.42
CA ARG B 60 -3.92 10.96 9.02
C ARG B 60 -3.65 12.06 8.00
N LEU B 61 -3.81 11.71 6.73
CA LEU B 61 -3.54 12.65 5.64
C LEU B 61 -4.59 13.71 5.41
N ALA B 62 -4.16 14.96 5.45
CA ALA B 62 -5.08 16.07 5.20
C ALA B 62 -4.87 16.44 3.73
N VAL B 63 -5.95 16.39 2.96
CA VAL B 63 -5.94 16.70 1.54
C VAL B 63 -6.64 18.05 1.41
N VAL B 64 -5.99 19.00 0.73
CA VAL B 64 -6.55 20.32 0.59
C VAL B 64 -6.71 20.76 -0.86
N ASN B 65 -7.88 21.29 -1.19
CA ASN B 65 -8.11 21.77 -2.55
C ASN B 65 -7.51 23.17 -2.63
N VAL B 66 -6.48 23.34 -3.46
CA VAL B 66 -5.88 24.65 -3.61
C VAL B 66 -6.64 25.45 -4.67
N LYS B 67 -7.24 26.55 -4.26
CA LYS B 67 -7.99 27.40 -5.18
C LYS B 67 -7.05 27.99 -6.23
N ASP B 68 -7.48 27.97 -7.48
CA ASP B 68 -6.68 28.54 -8.55
C ASP B 68 -6.39 30.01 -8.27
N ASN B 69 -5.22 30.48 -8.72
CA ASN B 69 -4.78 31.85 -8.51
C ASN B 69 -3.48 32.00 -9.30
N PRO B 70 -3.51 32.71 -10.45
CA PRO B 70 -2.42 32.98 -11.38
C PRO B 70 -1.11 32.17 -11.27
N PRO B 71 -0.31 32.36 -10.21
CA PRO B 71 0.94 31.58 -10.11
C PRO B 71 0.67 30.08 -9.89
N MET B 72 -0.59 29.68 -10.04
CA MET B 72 -0.95 28.29 -9.82
C MET B 72 -2.32 27.89 -10.36
N LYS B 73 -2.40 26.65 -10.84
CA LYS B 73 -3.63 26.10 -11.39
C LYS B 73 -3.64 24.58 -11.24
N ASP B 74 -4.83 24.01 -11.09
CA ASP B 74 -5.02 22.56 -10.95
C ASP B 74 -4.12 21.92 -9.89
N MET B 75 -4.05 22.54 -8.73
CA MET B 75 -3.19 22.04 -7.67
C MET B 75 -3.93 21.60 -6.43
N PHE B 76 -3.37 20.62 -5.73
CA PHE B 76 -3.91 20.20 -4.44
C PHE B 76 -2.74 20.07 -3.48
N LYS B 77 -3.02 20.12 -2.18
CA LYS B 77 -1.94 20.04 -1.21
C LYS B 77 -2.13 18.94 -0.17
N LEU B 78 -1.03 18.29 0.20
CA LEU B 78 -1.07 17.24 1.22
C LEU B 78 -0.43 17.79 2.51
N LEU B 79 -1.09 17.60 3.64
CA LEU B 79 -0.54 18.07 4.90
C LEU B 79 -0.39 16.90 5.85
N MET B 80 0.83 16.62 6.27
CA MET B 80 1.09 15.57 7.24
C MET B 80 2.44 15.87 7.87
N PHE B 81 2.40 16.65 8.96
CA PHE B 81 3.61 17.05 9.67
C PHE B 81 4.71 16.01 9.67
N PRO B 82 5.96 16.45 9.51
CA PRO B 82 6.32 17.87 9.36
C PRO B 82 6.16 18.44 7.96
N GLU B 83 5.56 17.69 7.04
CA GLU B 83 5.44 18.14 5.66
C GLU B 83 4.18 18.85 5.21
N SER B 84 4.35 19.55 4.10
CA SER B 84 3.30 20.28 3.44
C SER B 84 3.79 20.25 1.99
N ARG B 85 3.05 19.59 1.10
CA ARG B 85 3.48 19.50 -0.28
C ARG B 85 2.36 19.81 -1.26
N ILE B 86 2.70 20.55 -2.31
CA ILE B 86 1.75 20.92 -3.33
C ILE B 86 2.03 20.12 -4.60
N PHE B 87 0.96 19.62 -5.22
CA PHE B 87 1.06 18.84 -6.44
C PHE B 87 0.13 19.41 -7.51
N GLN B 88 0.63 19.45 -8.74
CA GLN B 88 -0.11 19.99 -9.87
C GLN B 88 -0.49 18.86 -10.83
N ALA B 89 -1.77 18.79 -11.15
CA ALA B 89 -2.23 17.78 -12.07
C ALA B 89 -2.11 18.36 -13.48
N GLU B 90 -1.99 17.49 -14.46
CA GLU B 90 -1.87 17.88 -15.86
C GLU B 90 -3.01 18.78 -16.32
N ASN B 91 -4.16 18.68 -15.67
CA ASN B 91 -5.32 19.50 -16.04
C ASN B 91 -6.41 19.42 -14.98
N ALA B 92 -7.42 20.26 -15.12
CA ALA B 92 -8.50 20.30 -14.16
C ALA B 92 -9.17 18.95 -13.96
N LYS B 93 -9.27 18.17 -15.02
CA LYS B 93 -9.93 16.88 -14.94
C LYS B 93 -9.18 15.93 -14.01
N ILE B 94 -7.89 15.76 -14.24
CA ILE B 94 -7.08 14.88 -13.41
C ILE B 94 -7.13 15.33 -11.96
N LYS B 95 -7.09 16.65 -11.74
CA LYS B 95 -7.16 17.15 -10.37
C LYS B 95 -8.44 16.67 -9.72
N ARG B 96 -9.55 16.82 -10.43
CA ARG B 96 -10.86 16.41 -9.93
C ARG B 96 -10.88 14.93 -9.60
N GLU B 97 -10.24 14.13 -10.46
CA GLU B 97 -10.17 12.69 -10.23
C GLU B 97 -9.43 12.36 -8.94
N TRP B 98 -8.32 13.03 -8.70
CA TRP B 98 -7.55 12.79 -7.48
C TRP B 98 -8.36 13.11 -6.22
N LEU B 99 -9.01 14.28 -6.24
CA LEU B 99 -9.80 14.71 -5.09
C LEU B 99 -10.96 13.75 -4.83
N GLU B 100 -11.59 13.29 -5.91
CA GLU B 100 -12.71 12.36 -5.75
C GLU B 100 -12.24 11.02 -5.23
N VAL B 101 -11.22 10.41 -5.85
CA VAL B 101 -10.77 9.10 -5.36
C VAL B 101 -10.27 9.20 -3.94
N LEU B 102 -9.49 10.24 -3.64
CA LEU B 102 -8.96 10.42 -2.30
C LEU B 102 -10.09 10.52 -1.28
N GLU B 103 -11.11 11.30 -1.60
CA GLU B 103 -12.24 11.45 -0.69
C GLU B 103 -12.99 10.13 -0.59
N GLU B 104 -13.34 9.60 -1.76
CA GLU B 104 -14.07 8.34 -1.84
C GLU B 104 -13.34 7.19 -1.15
N THR B 105 -12.04 7.05 -1.39
CA THR B 105 -11.30 5.96 -0.76
C THR B 105 -11.17 6.15 0.74
N LYS B 106 -11.21 7.40 1.20
CA LYS B 106 -11.10 7.69 2.63
C LYS B 106 -12.43 7.41 3.31
N ARG B 107 -13.51 7.77 2.63
CA ARG B 107 -14.86 7.56 3.15
C ARG B 107 -15.04 6.05 3.36
N ALA B 108 -14.62 5.28 2.36
CA ALA B 108 -14.73 3.82 2.41
C ALA B 108 -13.96 3.25 3.59
N LEU B 109 -12.79 3.81 3.87
CA LEU B 109 -11.98 3.33 4.98
C LEU B 109 -12.72 3.55 6.28
N SER B 110 -13.42 4.68 6.38
CA SER B 110 -14.18 5.00 7.58
C SER B 110 -15.36 4.04 7.75
N ASP B 111 -16.09 3.81 6.65
CA ASP B 111 -17.22 2.90 6.69
C ASP B 111 -16.76 1.55 7.24
N LYS B 112 -15.74 0.99 6.59
CA LYS B 112 -15.19 -0.31 6.99
C LYS B 112 -14.84 -0.40 8.48
N ARG B 113 -14.23 0.66 9.02
CA ARG B 113 -13.84 0.67 10.42
C ARG B 113 -15.04 0.77 11.36
N ARG B 114 -16.10 1.40 10.88
CA ARG B 114 -17.32 1.56 11.66
C ARG B 114 -18.08 0.23 11.73
N ARG B 115 -17.98 -0.56 10.67
CA ARG B 115 -18.65 -1.86 10.62
C ARG B 115 -17.79 -2.87 11.39
N GLU B 116 -16.95 -2.34 12.27
CA GLU B 116 -16.05 -3.15 13.09
C GLU B 116 -16.31 -2.82 14.56
N GLN B 117 -16.60 -1.54 14.82
CA GLN B 117 -16.89 -1.07 16.17
C GLN B 117 -18.39 -1.04 16.43
N SER C 3 9.08 37.69 -2.94
CA SER C 3 9.57 37.16 -1.63
C SER C 3 8.95 37.97 -0.47
N LEU C 4 7.61 37.97 -0.43
CA LEU C 4 6.84 38.69 0.59
C LEU C 4 6.52 37.81 1.79
N ALA C 5 6.22 38.43 2.93
CA ALA C 5 5.88 37.67 4.12
C ALA C 5 4.59 36.89 3.80
N LEU C 6 4.43 35.73 4.41
CA LEU C 6 3.26 34.89 4.17
C LEU C 6 2.60 34.55 5.53
N HIS C 7 1.41 35.08 5.77
CA HIS C 7 0.72 34.82 7.03
C HIS C 7 -0.34 33.74 6.85
N LYS C 8 -0.15 32.61 7.52
CA LYS C 8 -1.07 31.48 7.40
C LYS C 8 -2.17 31.47 8.47
N VAL C 9 -3.39 31.71 8.02
CA VAL C 9 -4.55 31.74 8.89
C VAL C 9 -5.34 30.45 8.77
N ILE C 10 -5.87 29.96 9.87
CA ILE C 10 -6.68 28.74 9.83
C ILE C 10 -8.09 29.06 10.36
N MET C 11 -9.11 28.69 9.59
CA MET C 11 -10.49 28.94 10.02
C MET C 11 -10.98 27.75 10.86
N VAL C 12 -11.48 28.04 12.05
CA VAL C 12 -11.97 26.98 12.92
C VAL C 12 -13.36 27.28 13.45
N GLY C 13 -14.20 26.24 13.54
CA GLY C 13 -15.56 26.41 14.05
C GLY C 13 -16.49 25.28 13.64
N SER C 14 -17.61 25.13 14.34
CA SER C 14 -18.58 24.07 14.04
C SER C 14 -19.18 24.28 12.66
N GLY C 15 -19.87 23.24 12.16
CA GLY C 15 -20.48 23.35 10.85
C GLY C 15 -21.52 24.46 10.77
N GLY C 16 -21.62 25.08 9.60
CA GLY C 16 -22.59 26.14 9.38
C GLY C 16 -22.35 27.47 10.10
N VAL C 17 -21.25 27.58 10.82
CA VAL C 17 -20.96 28.80 11.53
C VAL C 17 -20.64 29.99 10.62
N GLY C 18 -20.27 29.72 9.37
CA GLY C 18 -19.97 30.80 8.44
C GLY C 18 -18.49 30.98 8.14
N LYS C 19 -17.69 29.93 8.36
CA LYS C 19 -16.26 30.02 8.09
C LYS C 19 -16.02 30.31 6.61
N SER C 20 -16.70 29.57 5.74
CA SER C 20 -16.56 29.75 4.30
C SER C 20 -17.06 31.12 3.88
N ALA C 21 -18.23 31.51 4.38
CA ALA C 21 -18.80 32.82 4.07
C ALA C 21 -17.80 33.94 4.37
N LEU C 22 -17.18 33.89 5.55
CA LEU C 22 -16.20 34.89 5.95
C LEU C 22 -15.03 34.88 4.96
N THR C 23 -14.50 33.70 4.68
CA THR C 23 -13.38 33.57 3.75
C THR C 23 -13.72 34.15 2.40
N LEU C 24 -14.85 33.73 1.84
CA LEU C 24 -15.26 34.20 0.53
C LEU C 24 -15.60 35.67 0.48
N GLN C 25 -16.09 36.21 1.59
CA GLN C 25 -16.43 37.61 1.64
C GLN C 25 -15.13 38.42 1.65
N PHE C 26 -14.14 37.89 2.35
CA PHE C 26 -12.86 38.55 2.45
C PHE C 26 -12.08 38.45 1.15
N MET C 27 -12.08 37.25 0.56
CA MET C 27 -11.34 37.00 -0.68
C MET C 27 -11.94 37.64 -1.92
N TYR C 28 -13.24 37.48 -2.12
CA TYR C 28 -13.87 37.99 -3.33
C TYR C 28 -14.98 39.01 -3.20
N ASP C 29 -15.32 39.42 -1.99
CA ASP C 29 -16.38 40.41 -1.81
C ASP C 29 -17.69 39.75 -2.23
N GLU C 30 -17.80 38.45 -2.01
CA GLU C 30 -18.99 37.72 -2.38
C GLU C 30 -19.67 37.08 -1.19
N PHE C 31 -20.97 36.83 -1.36
CA PHE C 31 -21.77 36.18 -0.34
C PHE C 31 -23.03 35.58 -0.93
N VAL C 32 -23.23 34.28 -0.71
CA VAL C 32 -24.41 33.60 -1.20
C VAL C 32 -25.11 32.96 0.00
N GLU C 33 -26.44 32.95 -0.05
CA GLU C 33 -27.24 32.42 1.04
C GLU C 33 -27.25 30.90 1.19
N ASP C 34 -27.01 30.15 0.11
CA ASP C 34 -27.07 28.70 0.22
C ASP C 34 -25.84 28.03 0.84
N TYR C 35 -26.11 26.98 1.61
CA TYR C 35 -25.09 26.21 2.32
C TYR C 35 -24.40 25.16 1.45
N GLU C 36 -23.07 25.23 1.42
CA GLU C 36 -22.22 24.32 0.66
C GLU C 36 -21.20 23.71 1.63
N PRO C 37 -21.46 22.48 2.12
CA PRO C 37 -20.51 21.88 3.06
C PRO C 37 -19.09 21.85 2.53
N THR C 38 -18.15 22.18 3.41
CA THR C 38 -16.74 22.24 3.05
C THR C 38 -15.94 21.01 3.46
N LYS C 39 -14.93 20.67 2.67
CA LYS C 39 -14.05 19.56 2.95
C LYS C 39 -12.78 20.26 3.48
N ALA C 40 -12.00 20.82 2.55
CA ALA C 40 -10.79 21.55 2.91
C ALA C 40 -10.29 22.37 1.71
N ASP C 41 -10.30 23.70 1.86
CA ASP C 41 -9.85 24.60 0.80
C ASP C 41 -8.78 25.60 1.23
N SER C 42 -7.86 25.85 0.31
CA SER C 42 -6.77 26.78 0.55
C SER C 42 -6.91 27.98 -0.37
N TYR C 43 -6.77 29.16 0.21
CA TYR C 43 -6.89 30.41 -0.53
C TYR C 43 -5.67 31.26 -0.26
N ARG C 44 -5.17 31.94 -1.27
CA ARG C 44 -4.01 32.82 -1.07
C ARG C 44 -4.28 34.15 -1.74
N LYS C 45 -3.83 35.23 -1.13
CA LYS C 45 -4.09 36.53 -1.70
C LYS C 45 -3.08 37.59 -1.27
N LYS C 46 -2.74 38.47 -2.20
CA LYS C 46 -1.82 39.58 -1.91
C LYS C 46 -2.66 40.72 -1.37
N VAL C 47 -2.27 41.24 -0.21
CA VAL C 47 -2.97 42.35 0.42
C VAL C 47 -1.91 43.34 0.91
N VAL C 48 -2.34 44.51 1.38
CA VAL C 48 -1.43 45.51 1.89
C VAL C 48 -1.63 45.61 3.39
N LEU C 49 -0.59 45.29 4.15
CA LEU C 49 -0.68 45.33 5.59
C LEU C 49 0.25 46.40 6.11
N ASP C 50 -0.34 47.52 6.52
CA ASP C 50 0.40 48.67 7.03
C ASP C 50 1.56 49.07 6.14
N GLY C 51 1.22 49.45 4.91
CA GLY C 51 2.22 49.88 3.94
C GLY C 51 3.05 48.78 3.29
N GLU C 52 2.80 47.53 3.62
CA GLU C 52 3.58 46.44 3.04
C GLU C 52 2.76 45.38 2.30
N GLU C 53 3.24 44.98 1.13
CA GLU C 53 2.58 43.95 0.35
C GLU C 53 2.97 42.61 0.95
N VAL C 54 1.97 41.86 1.36
CA VAL C 54 2.20 40.56 1.96
C VAL C 54 1.16 39.61 1.43
N GLN C 55 1.33 38.33 1.70
CA GLN C 55 0.36 37.35 1.25
C GLN C 55 -0.27 36.65 2.42
N ILE C 56 -1.58 36.50 2.37
CA ILE C 56 -2.31 35.82 3.43
C ILE C 56 -2.83 34.53 2.84
N ASP C 57 -2.61 33.44 3.56
CA ASP C 57 -3.08 32.15 3.13
C ASP C 57 -4.15 31.72 4.13
N ILE C 58 -5.30 31.31 3.61
CA ILE C 58 -6.40 30.90 4.47
C ILE C 58 -6.79 29.44 4.23
N LEU C 59 -6.78 28.66 5.29
CA LEU C 59 -7.18 27.25 5.22
C LEU C 59 -8.61 27.19 5.75
N ASP C 60 -9.58 26.97 4.86
CA ASP C 60 -10.99 26.88 5.24
C ASP C 60 -11.36 25.39 5.28
N THR C 61 -11.66 24.90 6.48
CA THR C 61 -11.97 23.48 6.67
C THR C 61 -13.39 23.18 7.11
N ALA C 62 -13.72 21.88 7.05
CA ALA C 62 -15.04 21.39 7.45
C ALA C 62 -15.24 21.58 8.94
N GLY C 63 -16.48 21.91 9.32
CA GLY C 63 -16.81 22.09 10.72
C GLY C 63 -16.48 20.85 11.54
N LEU C 64 -16.52 19.68 10.90
CA LEU C 64 -16.18 18.45 11.63
C LEU C 64 -15.38 17.46 10.78
N GLU C 65 -14.29 16.96 11.35
CA GLU C 65 -13.42 16.00 10.68
C GLU C 65 -13.42 14.69 11.47
N ASP C 66 -13.64 13.58 10.77
CA ASP C 66 -13.68 12.26 11.40
C ASP C 66 -12.41 11.86 12.15
N TYR C 67 -11.25 12.25 11.63
CA TYR C 67 -10.01 11.86 12.28
C TYR C 67 -9.29 13.01 12.96
N ALA C 68 -8.96 12.79 14.22
CA ALA C 68 -8.26 13.77 15.02
C ALA C 68 -6.89 14.07 14.41
N ALA C 69 -6.18 13.04 13.96
CA ALA C 69 -4.86 13.23 13.38
C ALA C 69 -4.93 14.19 12.19
N ILE C 70 -5.95 14.03 11.34
CA ILE C 70 -6.10 14.92 10.19
C ILE C 70 -6.41 16.34 10.66
N ARG C 71 -7.28 16.45 11.66
CA ARG C 71 -7.66 17.74 12.20
C ARG C 71 -6.38 18.42 12.70
N ASP C 72 -5.55 17.66 13.39
CA ASP C 72 -4.30 18.19 13.92
C ASP C 72 -3.37 18.67 12.83
N ASN C 73 -3.42 18.00 11.69
CA ASN C 73 -2.56 18.43 10.59
C ASN C 73 -3.01 19.75 10.00
N TYR C 74 -4.30 20.06 10.11
CA TYR C 74 -4.79 21.32 9.61
C TYR C 74 -4.25 22.42 10.51
N PHE C 75 -4.45 22.24 11.82
CA PHE C 75 -4.03 23.20 12.84
C PHE C 75 -2.53 23.43 12.89
N ARG C 76 -1.76 22.37 12.71
CA ARG C 76 -0.31 22.47 12.79
C ARG C 76 0.27 23.34 11.67
N SER C 77 -0.37 23.34 10.51
CA SER C 77 0.12 24.13 9.38
C SER C 77 -0.14 25.63 9.48
N GLY C 78 -0.94 26.07 10.45
CA GLY C 78 -1.23 27.49 10.55
C GLY C 78 -0.41 28.26 11.55
N GLU C 79 -0.47 29.59 11.46
CA GLU C 79 0.29 30.45 12.36
C GLU C 79 -0.68 31.26 13.22
N GLY C 80 -1.93 31.39 12.76
CA GLY C 80 -2.94 32.15 13.49
C GLY C 80 -4.31 31.54 13.32
N PHE C 81 -5.20 31.72 14.31
CA PHE C 81 -6.50 31.11 14.20
C PHE C 81 -7.69 32.00 14.44
N LEU C 82 -8.70 31.83 13.60
CA LEU C 82 -9.96 32.54 13.73
C LEU C 82 -10.90 31.46 14.24
N CYS C 83 -11.25 31.54 15.52
CA CYS C 83 -12.15 30.59 16.15
C CYS C 83 -13.53 31.19 16.00
N VAL C 84 -14.26 30.69 15.01
CA VAL C 84 -15.58 31.21 14.67
C VAL C 84 -16.78 30.44 15.22
N PHE C 85 -17.78 31.17 15.70
CA PHE C 85 -19.02 30.57 16.18
C PHE C 85 -20.16 31.50 15.71
N SER C 86 -21.38 30.99 15.66
CA SER C 86 -22.51 31.82 15.23
C SER C 86 -23.23 32.37 16.46
N ILE C 87 -23.50 33.67 16.48
CA ILE C 87 -24.17 34.23 17.63
C ILE C 87 -25.61 33.73 17.71
N THR C 88 -26.06 33.04 16.67
CA THR C 88 -27.43 32.52 16.67
C THR C 88 -27.48 31.06 17.10
N GLU C 89 -26.33 30.41 17.26
CA GLU C 89 -26.32 29.01 17.67
C GLU C 89 -25.44 28.77 18.90
N MET C 90 -26.05 28.88 20.08
CA MET C 90 -25.35 28.69 21.35
C MET C 90 -24.46 27.46 21.38
N GLU C 91 -24.86 26.41 20.68
CA GLU C 91 -24.07 25.18 20.65
C GLU C 91 -22.70 25.39 20.01
N SER C 92 -22.62 26.21 18.97
CA SER C 92 -21.34 26.47 18.31
C SER C 92 -20.39 27.29 19.20
N PHE C 93 -20.97 28.06 20.11
CA PHE C 93 -20.18 28.88 21.04
C PHE C 93 -19.57 27.97 22.09
N ALA C 94 -20.36 27.00 22.55
CA ALA C 94 -19.88 26.07 23.55
C ALA C 94 -18.75 25.22 22.97
N ALA C 95 -18.87 24.90 21.69
CA ALA C 95 -17.85 24.09 21.04
C ALA C 95 -16.51 24.79 20.89
N THR C 96 -16.46 26.11 21.08
CA THR C 96 -15.20 26.81 20.92
C THR C 96 -14.20 26.53 22.02
N ALA C 97 -14.65 25.94 23.13
CA ALA C 97 -13.74 25.65 24.23
C ALA C 97 -12.80 24.49 23.83
N ASP C 98 -13.35 23.52 23.10
CA ASP C 98 -12.56 22.37 22.65
C ASP C 98 -11.59 22.74 21.54
N PHE C 99 -12.05 23.55 20.59
CA PHE C 99 -11.21 23.99 19.49
C PHE C 99 -9.99 24.69 20.08
N ARG C 100 -10.23 25.53 21.08
CA ARG C 100 -9.17 26.28 21.74
C ARG C 100 -8.21 25.29 22.36
N GLU C 101 -8.77 24.31 23.08
CA GLU C 101 -8.00 23.28 23.74
C GLU C 101 -7.13 22.50 22.75
N GLN C 102 -7.73 22.09 21.65
CA GLN C 102 -7.03 21.32 20.62
C GLN C 102 -5.94 22.16 19.96
N ILE C 103 -6.24 23.42 19.67
CA ILE C 103 -5.28 24.30 19.02
C ILE C 103 -4.05 24.50 19.88
N LEU C 104 -4.27 24.83 21.15
CA LEU C 104 -3.18 25.05 22.09
C LEU C 104 -2.33 23.80 22.28
N ARG C 105 -2.97 22.64 22.25
CA ARG C 105 -2.26 21.39 22.42
C ARG C 105 -1.30 21.16 21.26
N VAL C 106 -1.83 21.26 20.05
CA VAL C 106 -1.06 21.06 18.82
C VAL C 106 0.04 22.09 18.60
N LYS C 107 -0.18 23.35 18.97
CA LYS C 107 0.84 24.36 18.75
C LYS C 107 1.82 24.47 19.93
N GLU C 108 1.55 23.73 21.00
CA GLU C 108 2.40 23.78 22.18
C GLU C 108 2.72 25.23 22.48
N ASP C 109 1.69 26.05 22.53
CA ASP C 109 1.85 27.48 22.77
C ASP C 109 0.59 28.11 23.35
N GLU C 110 0.73 28.82 24.47
CA GLU C 110 -0.40 29.47 25.12
C GLU C 110 -0.79 30.76 24.41
N ASN C 111 0.22 31.48 23.91
CA ASN C 111 -0.01 32.75 23.24
C ASN C 111 -0.10 32.65 21.71
N VAL C 112 -0.76 31.62 21.20
CA VAL C 112 -0.87 31.47 19.76
C VAL C 112 -1.84 32.52 19.20
N PRO C 113 -1.47 33.25 18.14
CA PRO C 113 -2.36 34.27 17.56
C PRO C 113 -3.75 33.66 17.44
N PHE C 114 -4.71 34.29 18.09
CA PHE C 114 -6.05 33.73 18.16
C PHE C 114 -7.12 34.82 18.37
N LEU C 115 -8.21 34.71 17.63
CA LEU C 115 -9.32 35.65 17.76
C LEU C 115 -10.62 34.87 17.88
N LEU C 116 -11.48 35.28 18.80
CA LEU C 116 -12.78 34.63 18.97
C LEU C 116 -13.69 35.51 18.10
N VAL C 117 -14.43 34.87 17.21
CA VAL C 117 -15.30 35.61 16.29
C VAL C 117 -16.74 35.12 16.36
N GLY C 118 -17.67 36.04 16.63
CA GLY C 118 -19.07 35.72 16.67
C GLY C 118 -19.63 36.17 15.35
N ASN C 119 -19.96 35.22 14.48
CA ASN C 119 -20.47 35.56 13.15
C ASN C 119 -22.00 35.64 13.08
N LYS C 120 -22.49 36.19 11.97
CA LYS C 120 -23.92 36.36 11.72
C LYS C 120 -24.52 37.42 12.65
N SER C 121 -23.83 38.53 12.81
CA SER C 121 -24.32 39.59 13.69
C SER C 121 -25.49 40.36 13.09
N ASP C 122 -25.78 40.10 11.82
CA ASP C 122 -26.89 40.76 11.16
C ASP C 122 -28.22 40.13 11.60
N LEU C 123 -28.16 38.92 12.13
CA LEU C 123 -29.35 38.22 12.60
C LEU C 123 -29.57 38.46 14.08
N GLU C 124 -29.60 39.74 14.46
CA GLU C 124 -29.79 40.11 15.85
C GLU C 124 -31.00 39.49 16.55
N ASP C 125 -32.16 39.52 15.92
CA ASP C 125 -33.36 38.96 16.56
C ASP C 125 -33.33 37.44 16.74
N LYS C 126 -32.26 36.79 16.29
CA LYS C 126 -32.15 35.35 16.46
C LYS C 126 -30.96 35.01 17.36
N ARG C 127 -30.34 36.04 17.91
CA ARG C 127 -29.20 35.88 18.79
C ARG C 127 -29.47 34.91 19.94
N GLN C 128 -28.49 34.05 20.22
CA GLN C 128 -28.59 33.07 21.28
C GLN C 128 -27.39 33.22 22.22
N VAL C 129 -26.40 33.97 21.76
CA VAL C 129 -25.21 34.21 22.55
C VAL C 129 -25.12 35.70 22.77
N SER C 130 -24.86 36.11 24.01
CA SER C 130 -24.79 37.54 24.29
C SER C 130 -23.38 38.06 24.19
N VAL C 131 -23.24 39.34 23.83
CA VAL C 131 -21.94 39.97 23.73
C VAL C 131 -21.19 39.74 25.04
N GLU C 132 -21.86 40.06 26.15
CA GLU C 132 -21.28 39.90 27.48
C GLU C 132 -20.62 38.54 27.64
N GLU C 133 -21.42 37.52 27.41
CA GLU C 133 -21.01 36.12 27.54
C GLU C 133 -19.76 35.79 26.72
N ALA C 134 -19.81 36.08 25.43
CA ALA C 134 -18.68 35.80 24.55
C ALA C 134 -17.47 36.61 24.99
N LYS C 135 -17.70 37.90 25.22
CA LYS C 135 -16.64 38.81 25.65
C LYS C 135 -15.91 38.29 26.90
N ASN C 136 -16.66 37.72 27.83
CA ASN C 136 -16.05 37.20 29.06
C ASN C 136 -15.14 36.03 28.77
N ARG C 137 -15.55 35.17 27.85
CA ARG C 137 -14.73 34.01 27.49
C ARG C 137 -13.44 34.51 26.85
N ALA C 138 -13.55 35.53 26.01
CA ALA C 138 -12.37 36.07 25.35
C ALA C 138 -11.42 36.63 26.38
N GLU C 139 -11.97 37.24 27.43
CA GLU C 139 -11.13 37.80 28.48
C GLU C 139 -10.31 36.76 29.21
N GLN C 140 -10.94 35.67 29.62
CA GLN C 140 -10.20 34.64 30.33
C GLN C 140 -9.17 33.94 29.44
N TRP C 141 -9.41 33.92 28.13
CA TRP C 141 -8.49 33.30 27.18
C TRP C 141 -7.41 34.31 26.79
N ASN C 142 -7.61 35.56 27.19
CA ASN C 142 -6.71 36.65 26.87
C ASN C 142 -6.58 36.89 25.36
N VAL C 143 -7.73 36.93 24.69
CA VAL C 143 -7.79 37.20 23.26
C VAL C 143 -8.92 38.21 23.01
N ASN C 144 -8.98 38.73 21.80
CA ASN C 144 -10.03 39.69 21.50
C ASN C 144 -11.25 39.02 20.91
N TYR C 145 -12.39 39.68 21.07
CA TYR C 145 -13.65 39.18 20.55
C TYR C 145 -14.16 40.20 19.55
N VAL C 146 -14.70 39.72 18.44
CA VAL C 146 -15.26 40.64 17.46
C VAL C 146 -16.39 39.96 16.72
N GLU C 147 -17.52 40.65 16.65
CA GLU C 147 -18.68 40.10 15.96
C GLU C 147 -18.62 40.51 14.50
N THR C 148 -18.87 39.54 13.65
CA THR C 148 -18.80 39.81 12.22
C THR C 148 -20.10 39.43 11.53
N SER C 149 -20.21 39.85 10.28
CA SER C 149 -21.34 39.50 9.45
C SER C 149 -20.79 39.28 8.05
N ALA C 150 -20.70 38.03 7.65
CA ALA C 150 -20.20 37.72 6.33
C ALA C 150 -21.15 38.32 5.29
N LYS C 151 -22.42 38.50 5.68
CA LYS C 151 -23.42 39.05 4.76
C LYS C 151 -23.29 40.55 4.53
N THR C 152 -23.27 41.33 5.61
CA THR C 152 -23.15 42.79 5.52
C THR C 152 -21.70 43.23 5.40
N ARG C 153 -20.79 42.30 5.67
CA ARG C 153 -19.35 42.54 5.61
C ARG C 153 -18.79 43.27 6.83
N ALA C 154 -19.63 43.48 7.84
CA ALA C 154 -19.23 44.17 9.06
C ALA C 154 -18.09 43.43 9.77
N ASN C 155 -17.01 44.16 10.03
CA ASN C 155 -15.79 43.66 10.68
C ASN C 155 -15.09 42.48 9.99
N VAL C 156 -15.41 42.20 8.73
CA VAL C 156 -14.75 41.09 8.05
C VAL C 156 -13.26 41.36 7.84
N ASP C 157 -12.93 42.50 7.26
CA ASP C 157 -11.52 42.83 7.07
C ASP C 157 -10.82 42.94 8.41
N LYS C 158 -11.52 43.50 9.39
CA LYS C 158 -10.94 43.66 10.72
C LYS C 158 -10.37 42.37 11.31
N VAL C 159 -11.13 41.29 11.29
CA VAL C 159 -10.63 40.06 11.87
C VAL C 159 -9.43 39.49 11.13
N PHE C 160 -9.46 39.48 9.81
CA PHE C 160 -8.34 38.95 9.05
C PHE C 160 -7.08 39.80 9.21
N PHE C 161 -7.23 41.12 9.17
CA PHE C 161 -6.10 42.03 9.33
C PHE C 161 -5.58 42.07 10.76
N ASP C 162 -6.49 41.96 11.71
CA ASP C 162 -6.12 41.96 13.12
C ASP C 162 -5.33 40.69 13.40
N LEU C 163 -5.78 39.58 12.81
CA LEU C 163 -5.08 38.32 13.04
C LEU C 163 -3.68 38.41 12.47
N MET C 164 -3.57 38.96 11.26
CA MET C 164 -2.29 39.08 10.61
C MET C 164 -1.31 39.87 11.44
N ARG C 165 -1.74 40.99 12.02
CA ARG C 165 -0.84 41.79 12.82
C ARG C 165 -0.34 41.04 14.04
N GLU C 166 -1.15 40.11 14.55
CA GLU C 166 -0.76 39.30 15.70
C GLU C 166 0.33 38.35 15.24
N ILE C 167 0.10 37.74 14.08
CA ILE C 167 1.05 36.80 13.51
C ILE C 167 2.35 37.48 13.20
N ARG C 168 2.26 38.71 12.70
CA ARG C 168 3.46 39.46 12.36
C ARG C 168 4.18 39.88 13.65
N ALA C 169 3.43 40.05 14.73
CA ALA C 169 4.03 40.45 15.99
C ALA C 169 4.79 39.27 16.58
N ARG C 170 4.21 38.09 16.51
CA ARG C 170 4.89 36.91 17.03
C ARG C 170 6.14 36.62 16.21
N LYS C 171 6.04 36.75 14.89
CA LYS C 171 7.19 36.51 14.05
C LYS C 171 8.27 37.56 14.34
N MET C 172 7.84 38.72 14.78
CA MET C 172 8.76 39.81 15.08
C MET C 172 9.68 39.48 16.27
N GLU C 173 9.15 38.78 17.26
CA GLU C 173 9.92 38.42 18.44
C GLU C 173 10.52 37.02 18.42
N ASP C 174 10.01 36.14 17.56
CA ASP C 174 10.52 34.77 17.46
C ASP C 174 11.83 34.68 16.65
N SER C 175 12.23 35.78 16.04
CA SER C 175 13.47 35.81 15.25
C SER C 175 14.39 36.92 15.77
N GLY D 5 0.23 1.15 12.36
CA GLY D 5 -0.56 1.23 11.09
C GLY D 5 0.25 1.03 9.81
N GLN D 6 -0.30 1.51 8.71
CA GLN D 6 0.32 1.40 7.39
C GLN D 6 1.64 2.14 7.28
N TYR D 7 2.63 1.53 6.62
CA TYR D 7 3.94 2.16 6.47
C TYR D 7 4.82 1.44 5.43
N LEU D 8 5.80 2.16 4.90
CA LEU D 8 6.71 1.63 3.90
C LEU D 8 7.77 0.76 4.56
N VAL D 9 7.64 -0.55 4.42
CA VAL D 9 8.57 -1.49 5.03
C VAL D 9 9.93 -1.63 4.35
N TYR D 10 9.94 -1.65 3.02
CA TYR D 10 11.16 -1.84 2.25
C TYR D 10 10.89 -1.47 0.80
N ASN D 11 11.94 -1.15 0.05
CA ASN D 11 11.78 -0.82 -1.36
C ASN D 11 13.13 -0.85 -2.05
N GLY D 12 13.13 -1.01 -3.37
CA GLY D 12 14.39 -1.06 -4.09
C GLY D 12 14.24 -1.38 -5.56
N ASP D 13 15.34 -1.30 -6.29
CA ASP D 13 15.34 -1.60 -7.71
C ASP D 13 15.63 -3.07 -7.97
N LEU D 14 15.12 -3.57 -9.07
CA LEU D 14 15.34 -4.96 -9.46
C LEU D 14 15.25 -5.03 -10.97
N VAL D 15 15.72 -6.14 -11.52
CA VAL D 15 15.65 -6.36 -12.96
C VAL D 15 14.74 -7.55 -13.20
N GLU D 16 13.68 -7.37 -13.98
CA GLU D 16 12.77 -8.47 -14.25
C GLU D 16 13.27 -9.37 -15.37
N TYR D 17 12.87 -10.63 -15.32
CA TYR D 17 13.25 -11.61 -16.33
C TYR D 17 12.03 -12.47 -16.62
N GLU D 18 11.93 -12.98 -17.84
CA GLU D 18 10.81 -13.84 -18.21
C GLU D 18 11.15 -15.20 -17.59
N ALA D 19 10.24 -15.72 -16.79
CA ALA D 19 10.47 -16.99 -16.07
C ALA D 19 10.79 -18.27 -16.85
N ASP D 20 10.14 -18.49 -17.99
CA ASP D 20 10.39 -19.73 -18.74
C ASP D 20 11.70 -19.81 -19.51
N HIS D 21 12.07 -18.73 -20.20
CA HIS D 21 13.30 -18.70 -21.00
C HIS D 21 14.36 -17.81 -20.39
N MET D 22 14.10 -17.30 -19.19
CA MET D 22 15.05 -16.45 -18.47
C MET D 22 15.58 -15.27 -19.29
N ALA D 23 14.78 -14.71 -20.19
CA ALA D 23 15.23 -13.57 -20.97
C ALA D 23 15.09 -12.30 -20.12
N GLN D 24 16.03 -11.36 -20.25
CA GLN D 24 15.97 -10.13 -19.47
C GLN D 24 14.90 -9.18 -20.01
N LEU D 25 14.10 -8.64 -19.12
CA LEU D 25 13.05 -7.71 -19.50
C LEU D 25 13.47 -6.30 -19.14
N GLN D 26 12.87 -5.69 -18.13
CA GLN D 26 13.27 -4.33 -17.79
C GLN D 26 13.41 -4.07 -16.29
N ARG D 27 13.93 -2.89 -15.96
CA ARG D 27 14.12 -2.46 -14.57
C ARG D 27 12.77 -2.21 -13.94
N VAL D 28 12.69 -2.44 -12.64
CA VAL D 28 11.45 -2.21 -11.92
C VAL D 28 11.79 -1.75 -10.52
N HIS D 29 10.80 -1.17 -9.85
CA HIS D 29 11.01 -0.72 -8.49
C HIS D 29 9.95 -1.38 -7.63
N GLY D 30 10.37 -1.99 -6.53
CA GLY D 30 9.41 -2.65 -5.66
C GLY D 30 9.20 -1.88 -4.37
N PHE D 31 7.96 -1.76 -3.93
CA PHE D 31 7.62 -1.07 -2.70
C PHE D 31 6.82 -2.01 -1.81
N LEU D 32 7.43 -2.41 -0.69
CA LEU D 32 6.78 -3.28 0.28
C LEU D 32 6.11 -2.49 1.41
N MET D 33 4.83 -2.77 1.64
CA MET D 33 4.04 -2.12 2.68
C MET D 33 3.56 -3.22 3.61
N ASN D 34 2.87 -2.90 4.70
CA ASN D 34 2.52 -3.96 5.64
C ASN D 34 1.58 -5.08 5.19
N ASP D 35 0.90 -4.93 4.06
CA ASP D 35 0.00 -6.00 3.63
C ASP D 35 -0.02 -6.22 2.13
N CYS D 36 0.90 -5.60 1.40
CA CYS D 36 0.93 -5.76 -0.04
C CYS D 36 2.28 -5.35 -0.60
N LEU D 37 2.54 -5.77 -1.84
CA LEU D 37 3.79 -5.44 -2.52
C LEU D 37 3.45 -4.76 -3.83
N LEU D 38 4.05 -3.59 -4.06
CA LEU D 38 3.80 -2.83 -5.28
C LEU D 38 5.01 -2.93 -6.18
N VAL D 39 4.78 -3.30 -7.43
CA VAL D 39 5.86 -3.39 -8.40
C VAL D 39 5.59 -2.41 -9.54
N ALA D 40 6.49 -1.44 -9.72
CA ALA D 40 6.34 -0.43 -10.77
C ALA D 40 7.31 -0.67 -11.92
N THR D 41 6.75 -0.86 -13.11
CA THR D 41 7.56 -1.12 -14.30
C THR D 41 7.40 0.02 -15.31
N TRP D 42 8.50 0.40 -15.95
CA TRP D 42 8.48 1.49 -16.93
C TRP D 42 8.96 1.00 -18.30
N LEU D 43 8.00 0.64 -19.16
CA LEU D 43 8.30 0.13 -20.50
C LEU D 43 8.27 1.20 -21.62
N PRO D 44 9.45 1.56 -22.15
CA PRO D 44 9.58 2.57 -23.21
C PRO D 44 9.00 2.10 -24.56
N GLN D 45 8.20 2.94 -25.20
CA GLN D 45 7.62 2.62 -26.49
C GLN D 45 7.89 3.75 -27.48
N ARG D 46 7.88 3.41 -28.77
CA ARG D 46 8.14 4.39 -29.84
C ARG D 46 7.72 5.80 -29.43
N ARG D 47 6.42 6.05 -29.38
CA ARG D 47 5.91 7.35 -28.97
C ARG D 47 4.90 7.22 -27.83
N GLY D 48 5.38 6.70 -26.71
CA GLY D 48 4.50 6.53 -25.55
C GLY D 48 5.02 5.59 -24.48
N MET D 49 6.07 6.01 -23.77
CA MET D 49 6.67 5.22 -22.69
C MET D 49 5.56 4.62 -21.80
N TYR D 50 5.23 3.35 -22.04
CA TYR D 50 4.17 2.68 -21.28
C TYR D 50 4.62 2.20 -19.90
N ARG D 51 3.74 2.34 -18.91
CA ARG D 51 4.04 1.94 -17.55
C ARG D 51 3.08 0.86 -17.04
N TYR D 52 3.64 -0.11 -16.32
CA TYR D 52 2.83 -1.20 -15.77
C TYR D 52 2.97 -1.25 -14.24
N ASN D 53 1.85 -1.11 -13.53
CA ASN D 53 1.86 -1.12 -12.07
C ASN D 53 0.97 -2.22 -11.52
N ALA D 54 1.56 -3.07 -10.68
CA ALA D 54 0.85 -4.19 -10.08
C ALA D 54 0.98 -4.18 -8.56
N LEU D 55 -0.12 -4.51 -7.88
CA LEU D 55 -0.14 -4.55 -6.42
C LEU D 55 -0.39 -6.00 -6.08
N TYR D 56 0.42 -6.55 -5.18
CA TYR D 56 0.24 -7.95 -4.80
C TYR D 56 -0.03 -8.12 -3.33
N PRO D 57 -1.26 -8.49 -2.97
CA PRO D 57 -1.63 -8.69 -1.56
C PRO D 57 -0.77 -9.83 -1.01
N LEU D 58 -0.11 -9.59 0.13
CA LEU D 58 0.75 -10.61 0.73
C LEU D 58 0.03 -11.88 1.18
N ASP D 59 -1.29 -11.82 1.30
CA ASP D 59 -2.00 -13.02 1.72
C ASP D 59 -2.40 -13.85 0.49
N ARG D 60 -1.90 -13.47 -0.67
CA ARG D 60 -2.19 -14.18 -1.92
C ARG D 60 -0.91 -14.42 -2.71
N LEU D 61 0.14 -13.70 -2.34
CA LEU D 61 1.41 -13.77 -3.04
C LEU D 61 2.36 -14.91 -2.69
N ALA D 62 2.70 -15.72 -3.69
CA ALA D 62 3.62 -16.84 -3.51
C ALA D 62 5.03 -16.34 -3.84
N VAL D 63 5.93 -16.38 -2.87
CA VAL D 63 7.30 -15.94 -3.06
C VAL D 63 8.19 -17.17 -3.11
N VAL D 64 8.96 -17.30 -4.19
CA VAL D 64 9.84 -18.44 -4.39
C VAL D 64 11.30 -18.04 -4.50
N ASN D 65 12.16 -18.81 -3.82
CA ASN D 65 13.60 -18.57 -3.85
C ASN D 65 14.16 -19.35 -5.02
N VAL D 66 14.64 -18.64 -6.05
CA VAL D 66 15.20 -19.30 -7.21
C VAL D 66 16.66 -19.62 -6.94
N LYS D 67 16.99 -20.89 -6.89
CA LYS D 67 18.37 -21.28 -6.65
C LYS D 67 19.27 -20.93 -7.83
N ASP D 68 20.48 -20.47 -7.51
CA ASP D 68 21.43 -20.07 -8.54
C ASP D 68 21.77 -21.21 -9.49
N ASN D 69 22.02 -20.84 -10.75
CA ASN D 69 22.33 -21.80 -11.79
C ASN D 69 22.67 -20.97 -13.05
N PRO D 70 23.97 -20.75 -13.32
CA PRO D 70 24.55 -19.98 -14.42
C PRO D 70 23.70 -18.89 -15.11
N PRO D 71 22.71 -19.25 -15.95
CA PRO D 71 21.92 -18.18 -16.57
C PRO D 71 21.03 -17.45 -15.53
N MET D 72 21.22 -17.82 -14.27
CA MET D 72 20.45 -17.24 -13.18
C MET D 72 21.28 -17.04 -11.91
N LYS D 73 21.15 -15.87 -11.31
CA LYS D 73 21.89 -15.55 -10.10
C LYS D 73 21.13 -14.50 -9.29
N ASP D 74 21.13 -14.66 -7.97
CA ASP D 74 20.45 -13.72 -7.07
C ASP D 74 19.01 -13.39 -7.47
N MET D 75 18.25 -14.40 -7.89
CA MET D 75 16.88 -14.13 -8.28
C MET D 75 15.86 -14.78 -7.36
N PHE D 76 14.66 -14.17 -7.32
CA PHE D 76 13.55 -14.73 -6.57
C PHE D 76 12.35 -14.54 -7.49
N LYS D 77 11.29 -15.32 -7.29
CA LYS D 77 10.12 -15.26 -8.15
C LYS D 77 8.82 -14.99 -7.41
N LEU D 78 7.92 -14.27 -8.07
CA LEU D 78 6.60 -13.96 -7.51
C LEU D 78 5.54 -14.74 -8.28
N LEU D 79 4.60 -15.35 -7.58
CA LEU D 79 3.55 -16.09 -8.25
C LEU D 79 2.20 -15.62 -7.75
N MET D 80 1.35 -15.18 -8.69
CA MET D 80 -0.01 -14.76 -8.38
C MET D 80 -0.83 -14.71 -9.66
N PHE D 81 -1.84 -15.57 -9.76
CA PHE D 81 -2.69 -15.62 -10.95
C PHE D 81 -3.00 -14.28 -11.56
N PRO D 82 -2.79 -14.14 -12.87
CA PRO D 82 -2.27 -15.16 -13.79
C PRO D 82 -0.79 -15.01 -14.04
N GLU D 83 -0.09 -14.30 -13.16
CA GLU D 83 1.33 -14.03 -13.35
C GLU D 83 2.37 -14.88 -12.62
N SER D 84 3.53 -14.93 -13.27
CA SER D 84 4.72 -15.61 -12.77
C SER D 84 5.80 -14.63 -13.20
N ARG D 85 6.51 -14.04 -12.24
CA ARG D 85 7.54 -13.06 -12.57
C ARG D 85 8.81 -13.33 -11.78
N ILE D 86 9.95 -13.12 -12.42
CA ILE D 86 11.23 -13.33 -11.77
C ILE D 86 11.99 -12.01 -11.69
N PHE D 87 12.59 -11.77 -10.53
CA PHE D 87 13.35 -10.54 -10.32
C PHE D 87 14.75 -10.84 -9.81
N GLN D 88 15.72 -10.11 -10.33
CA GLN D 88 17.11 -10.28 -9.91
C GLN D 88 17.53 -9.10 -9.04
N ALA D 89 18.08 -9.41 -7.88
CA ALA D 89 18.56 -8.39 -6.98
C ALA D 89 20.00 -8.05 -7.41
N GLU D 90 20.45 -6.85 -7.08
CA GLU D 90 21.80 -6.42 -7.46
C GLU D 90 22.89 -7.36 -6.95
N ASN D 91 22.67 -7.94 -5.79
CA ASN D 91 23.66 -8.86 -5.21
C ASN D 91 22.96 -9.81 -4.25
N ALA D 92 23.73 -10.71 -3.65
CA ALA D 92 23.16 -11.67 -2.72
C ALA D 92 22.59 -11.02 -1.47
N LYS D 93 23.17 -9.91 -1.04
CA LYS D 93 22.68 -9.24 0.16
C LYS D 93 21.27 -8.73 -0.08
N ILE D 94 21.07 -7.99 -1.17
CA ILE D 94 19.75 -7.46 -1.49
C ILE D 94 18.71 -8.58 -1.59
N LYS D 95 19.04 -9.65 -2.31
CA LYS D 95 18.09 -10.75 -2.43
C LYS D 95 17.70 -11.29 -1.06
N ARG D 96 18.71 -11.50 -0.21
CA ARG D 96 18.46 -12.02 1.13
C ARG D 96 17.53 -11.09 1.92
N GLU D 97 17.71 -9.79 1.77
CA GLU D 97 16.88 -8.80 2.46
C GLU D 97 15.42 -8.85 1.99
N TRP D 98 15.23 -8.92 0.68
CA TRP D 98 13.87 -9.00 0.15
C TRP D 98 13.15 -10.20 0.72
N LEU D 99 13.79 -11.37 0.66
CA LEU D 99 13.17 -12.59 1.16
C LEU D 99 12.86 -12.52 2.65
N GLU D 100 13.71 -11.85 3.41
CA GLU D 100 13.50 -11.72 4.85
C GLU D 100 12.30 -10.82 5.17
N VAL D 101 12.22 -9.65 4.51
CA VAL D 101 11.11 -8.73 4.76
C VAL D 101 9.79 -9.28 4.23
N LEU D 102 9.84 -9.92 3.06
CA LEU D 102 8.62 -10.51 2.51
C LEU D 102 8.10 -11.56 3.47
N GLU D 103 9.00 -12.36 4.02
CA GLU D 103 8.63 -13.41 4.95
C GLU D 103 8.15 -12.83 6.28
N GLU D 104 8.90 -11.88 6.80
CA GLU D 104 8.55 -11.28 8.08
C GLU D 104 7.26 -10.46 8.10
N THR D 105 7.02 -9.65 7.07
CA THR D 105 5.80 -8.87 7.11
C THR D 105 4.59 -9.75 6.82
N LYS D 106 4.83 -10.91 6.22
CA LYS D 106 3.73 -11.83 5.94
C LYS D 106 3.40 -12.49 7.28
N ARG D 107 4.43 -12.87 8.01
CA ARG D 107 4.24 -13.51 9.31
C ARG D 107 3.46 -12.53 10.19
N ALA D 108 3.96 -11.29 10.26
CA ALA D 108 3.33 -10.25 11.04
C ALA D 108 1.89 -10.05 10.61
N LEU D 109 1.61 -10.16 9.31
CA LEU D 109 0.25 -9.98 8.82
C LEU D 109 -0.66 -11.08 9.33
N SER D 110 -0.13 -12.29 9.40
CA SER D 110 -0.91 -13.44 9.86
C SER D 110 -1.24 -13.38 11.34
N ASP D 111 -0.24 -13.22 12.19
CA ASP D 111 -0.50 -13.17 13.62
C ASP D 111 -1.30 -11.93 13.99
N LYS D 112 -1.24 -10.89 13.16
CA LYS D 112 -2.01 -9.67 13.42
C LYS D 112 -3.48 -10.01 13.26
N ARG D 113 -3.78 -10.90 12.32
CA ARG D 113 -5.14 -11.32 12.06
C ARG D 113 -5.62 -12.39 13.05
N ARG D 114 -4.68 -13.15 13.61
CA ARG D 114 -5.04 -14.19 14.57
C ARG D 114 -5.57 -13.56 15.86
N ARG D 115 -4.88 -12.53 16.35
CA ARG D 115 -5.34 -11.86 17.55
C ARG D 115 -6.70 -11.24 17.28
N GLU D 116 -6.83 -10.54 16.16
CA GLU D 116 -8.08 -9.91 15.78
C GLU D 116 -9.24 -10.92 15.82
N GLN D 117 -9.07 -12.04 15.13
CA GLN D 117 -10.10 -13.07 15.08
C GLN D 117 -9.81 -14.21 16.06
MG MG E . 11.06 -29.36 2.26
PG GNP F . 8.65 -29.78 4.65
O1G GNP F . 8.39 -29.31 6.06
O2G GNP F . 9.69 -28.95 3.93
O3G GNP F . 7.35 -29.83 3.90
N3B GNP F . 9.28 -31.35 4.79
PB GNP F . 9.74 -32.27 3.48
O1B GNP F . 8.67 -33.07 2.88
O2B GNP F . 10.51 -31.37 2.51
O3A GNP F . 10.75 -33.34 4.17
PA GNP F . 12.36 -33.29 4.20
O1A GNP F . 12.97 -33.50 2.84
O2A GNP F . 12.72 -32.04 4.93
O5' GNP F . 12.62 -34.61 5.04
C5' GNP F . 12.14 -34.76 6.41
C4' GNP F . 13.12 -35.64 7.18
O4' GNP F . 13.00 -37.02 6.67
C3' GNP F . 14.60 -35.26 7.02
O3' GNP F . 15.21 -35.40 8.33
C2' GNP F . 15.15 -36.26 6.05
O2' GNP F . 16.52 -36.59 6.20
C1' GNP F . 14.27 -37.51 6.22
N9 GNP F . 14.04 -38.23 4.99
C8 GNP F . 13.53 -37.78 3.79
N7 GNP F . 13.43 -38.67 2.84
C5 GNP F . 13.91 -39.82 3.47
C6 GNP F . 14.04 -41.14 2.94
O6 GNP F . 13.76 -41.58 1.83
N1 GNP F . 14.58 -42.05 3.90
C2 GNP F . 14.94 -41.71 5.20
N2 GNP F . 15.43 -42.70 5.95
N3 GNP F . 14.80 -40.46 5.69
C4 GNP F . 14.29 -39.57 4.77
MG MG G . -17.26 25.87 4.96
PG GNP H . -18.89 24.01 7.04
O1G GNP H . -19.79 22.82 6.85
O2G GNP H . -17.98 24.24 5.86
O3G GNP H . -18.12 23.86 8.32
N3B GNP H . -19.89 25.38 7.14
PB GNP H . -19.31 26.92 7.33
O1B GNP H . -18.90 27.25 8.71
O2B GNP H . -18.23 27.15 6.28
O3A GNP H . -20.58 27.83 7.03
PA GNP H . -20.94 28.60 5.65
O1A GNP H . -19.98 29.72 5.37
O2A GNP H . -21.08 27.52 4.62
O5' GNP H . -22.33 29.24 6.07
C5' GNP H . -23.46 28.39 6.41
C4' GNP H . -24.76 29.08 6.08
O4' GNP H . -24.85 30.29 6.92
C3' GNP H . -24.89 29.57 4.63
O3' GNP H . -26.27 29.35 4.25
C2' GNP H . -24.58 31.04 4.71
O2' GNP H . -25.18 31.87 3.71
C1' GNP H . -25.04 31.45 6.10
N9 GNP H . -24.27 32.52 6.67
C8 GNP H . -22.92 32.56 6.96
N7 GNP H . -22.51 33.68 7.49
C5 GNP H . -23.67 34.43 7.56
C6 GNP H . -23.86 35.76 8.05
O6 GNP H . -23.05 36.54 8.53
N1 GNP H . -25.21 36.18 7.95
C2 GNP H . -26.24 35.42 7.44
N2 GNP H . -27.47 35.99 7.41
N3 GNP H . -26.06 34.18 6.97
C4 GNP H . -24.74 33.75 7.07
#